data_5ZTC
#
_entry.id   5ZTC
#
_cell.length_a   169.720
_cell.length_b   41.960
_cell.length_c   71.660
_cell.angle_alpha   90.00
_cell.angle_beta   90.37
_cell.angle_gamma   90.00
#
_symmetry.space_group_name_H-M   'C 1 2 1'
#
loop_
_entity.id
_entity.type
_entity.pdbx_description
1 polymer 'Lmo2088 protein'
2 non-polymer 'PENTAETHYLENE GLYCOL'
3 water water
#
_entity_poly.entity_id   1
_entity_poly.type   'polypeptide(L)'
_entity_poly.pdbx_seq_one_letter_code
;MRKEEIKQAALTLFANNGFEGTSLADIAGVVGLKKQSIYSHFKDKDDLFLSIMKDAKSTEIDYYRAKLRDSDLSRPDLVL
SSLLFGVKELYDTDEAYQFWLRYGFYPPKHLYEVVQADITENVLQMEHEFTDLFSNWMEQKLIPMQDVETMKEAYMGILD
AVIVDIVYVNDPERTEKKITALWQIFWRGITLKALNLEHHHHHH
;
_entity_poly.pdbx_strand_id   A,B
#
loop_
_chem_comp.id
_chem_comp.type
_chem_comp.name
_chem_comp.formula
1PE non-polymer 'PENTAETHYLENE GLYCOL' 'C10 H22 O6'
#
# COMPACT_ATOMS: atom_id res chain seq x y z
N MET A 1 26.75 24.92 -0.70
CA MET A 1 27.90 24.03 -0.62
C MET A 1 27.81 22.93 -1.67
N ARG A 2 28.95 22.31 -1.97
CA ARG A 2 29.00 21.23 -2.95
C ARG A 2 28.30 19.97 -2.45
N LYS A 3 28.49 19.60 -1.19
CA LYS A 3 27.85 18.40 -0.66
C LYS A 3 26.33 18.47 -0.77
N GLU A 4 25.74 19.63 -0.50
CA GLU A 4 24.29 19.70 -0.54
C GLU A 4 23.79 19.82 -1.99
N GLU A 5 24.62 20.40 -2.87
CA GLU A 5 24.32 20.38 -4.30
C GLU A 5 24.33 18.97 -4.85
N ILE A 6 25.31 18.14 -4.44
CA ILE A 6 25.34 16.74 -4.87
C ILE A 6 24.11 16.01 -4.37
N LYS A 7 23.75 16.20 -3.10
CA LYS A 7 22.58 15.50 -2.56
C LYS A 7 21.30 15.92 -3.28
N GLN A 8 21.16 17.20 -3.60
CA GLN A 8 19.97 17.65 -4.31
C GLN A 8 19.88 17.01 -5.70
N ALA A 9 20.99 17.00 -6.42
CA ALA A 9 20.97 16.38 -7.75
C ALA A 9 20.68 14.88 -7.66
N ALA A 10 21.31 14.20 -6.69
CA ALA A 10 21.07 12.76 -6.53
C ALA A 10 19.64 12.49 -6.09
N LEU A 11 19.07 13.36 -5.24
CA LEU A 11 17.68 13.19 -4.83
C LEU A 11 16.75 13.16 -6.02
N THR A 12 16.86 14.17 -6.89
CA THR A 12 16.02 14.23 -8.08
C THR A 12 16.22 13.00 -8.95
N LEU A 13 17.46 12.65 -9.25
CA LEU A 13 17.70 11.53 -10.15
C LEU A 13 17.23 10.20 -9.55
N PHE A 14 17.52 9.96 -8.26
CA PHE A 14 17.05 8.74 -7.62
C PHE A 14 15.52 8.67 -7.62
N ALA A 15 14.85 9.79 -7.31
CA ALA A 15 13.40 9.77 -7.18
C ALA A 15 12.71 9.55 -8.52
N ASN A 16 13.35 9.95 -9.62
CA ASN A 16 12.71 9.85 -10.94
C ASN A 16 13.24 8.71 -11.79
N ASN A 17 14.46 8.24 -11.56
CA ASN A 17 15.08 7.27 -12.45
C ASN A 17 15.42 5.92 -11.82
N GLY A 18 15.27 5.77 -10.50
CA GLY A 18 15.56 4.52 -9.84
C GLY A 18 17.01 4.40 -9.39
N PHE A 19 17.28 3.33 -8.63
CA PHE A 19 18.60 3.16 -8.04
C PHE A 19 19.66 2.77 -9.11
N GLU A 20 19.36 1.68 -9.80
CA GLU A 20 20.21 1.19 -10.87
C GLU A 20 20.25 2.20 -12.01
N GLY A 21 19.14 2.89 -12.27
CA GLY A 21 19.15 3.87 -13.35
C GLY A 21 20.06 5.06 -13.09
N THR A 22 20.50 5.25 -11.85
CA THR A 22 21.23 6.45 -11.46
C THR A 22 22.69 6.14 -11.18
N SER A 23 23.59 6.77 -11.93
CA SER A 23 25.03 6.59 -11.76
C SER A 23 25.64 7.82 -11.10
N LEU A 24 26.80 7.62 -10.48
CA LEU A 24 27.54 8.74 -9.89
C LEU A 24 28.00 9.73 -10.95
N ALA A 25 28.35 9.23 -12.15
CA ALA A 25 28.68 10.12 -13.25
C ALA A 25 27.48 10.97 -13.65
N ASP A 26 26.27 10.38 -13.64
CA ASP A 26 25.05 11.14 -13.88
C ASP A 26 24.88 12.27 -12.88
N ILE A 27 25.00 11.94 -11.59
CA ILE A 27 24.82 12.93 -10.54
C ILE A 27 25.83 14.07 -10.67
N ALA A 28 27.09 13.71 -10.85
CA ALA A 28 28.14 14.70 -11.00
C ALA A 28 27.90 15.60 -12.21
N GLY A 29 27.49 15.01 -13.34
CA GLY A 29 27.24 15.81 -14.53
C GLY A 29 26.17 16.87 -14.33
N VAL A 30 25.15 16.56 -13.52
CA VAL A 30 24.08 17.52 -13.27
C VAL A 30 24.63 18.77 -12.57
N VAL A 31 25.58 18.58 -11.64
CA VAL A 31 26.12 19.71 -10.89
C VAL A 31 27.37 20.30 -11.53
N GLY A 32 27.80 19.79 -12.67
CA GLY A 32 28.97 20.32 -13.34
C GLY A 32 30.27 19.81 -12.78
N LEU A 33 30.25 18.65 -12.12
CA LEU A 33 31.41 18.10 -11.45
C LEU A 33 31.78 16.78 -12.10
N LYS A 34 32.89 16.22 -11.64
CA LYS A 34 33.23 14.84 -11.98
C LYS A 34 33.06 13.95 -10.76
N LYS A 35 32.98 12.65 -11.03
CA LYS A 35 32.71 11.63 -10.01
C LYS A 35 33.62 11.76 -8.80
N GLN A 36 34.88 12.14 -9.02
CA GLN A 36 35.84 12.18 -7.91
C GLN A 36 35.36 13.11 -6.80
N SER A 37 34.65 14.18 -7.15
CA SER A 37 34.17 15.12 -6.15
C SER A 37 33.10 14.51 -5.25
N ILE A 38 32.33 13.55 -5.76
CA ILE A 38 31.33 12.91 -4.93
C ILE A 38 32.00 12.06 -3.86
N TYR A 39 33.10 11.38 -4.21
CA TYR A 39 33.82 10.62 -3.20
C TYR A 39 34.54 11.51 -2.20
N SER A 40 34.66 12.83 -2.46
CA SER A 40 35.21 13.72 -1.43
C SER A 40 34.28 13.83 -0.24
N HIS A 41 33.02 13.50 -0.41
CA HIS A 41 32.00 13.70 0.61
C HIS A 41 31.23 12.45 0.99
N PHE A 42 31.26 11.41 0.17
CA PHE A 42 30.52 10.19 0.39
C PHE A 42 31.41 9.00 0.11
N LYS A 43 31.16 7.91 0.84
CA LYS A 43 32.03 6.74 0.73
C LYS A 43 31.81 6.01 -0.58
N ASP A 44 30.59 6.00 -1.07
CA ASP A 44 30.20 5.32 -2.29
C ASP A 44 28.75 5.68 -2.58
N LYS A 45 28.20 5.06 -3.62
CA LYS A 45 26.84 5.37 -4.03
C LYS A 45 25.82 4.98 -2.96
N ASP A 46 26.06 3.86 -2.27
CA ASP A 46 25.15 3.48 -1.18
C ASP A 46 25.11 4.55 -0.12
N ASP A 47 26.29 5.06 0.28
CA ASP A 47 26.36 6.07 1.32
C ASP A 47 25.59 7.32 0.92
N LEU A 48 25.71 7.73 -0.34
CA LEU A 48 24.96 8.90 -0.80
C LEU A 48 23.45 8.64 -0.74
N PHE A 49 23.05 7.46 -1.21
CA PHE A 49 21.62 7.11 -1.17
C PHE A 49 21.10 7.11 0.26
N LEU A 50 21.84 6.48 1.17
CA LEU A 50 21.35 6.37 2.55
C LEU A 50 21.38 7.71 3.27
N SER A 51 22.31 8.60 2.87
CA SER A 51 22.33 9.94 3.44
C SER A 51 21.07 10.71 3.06
N ILE A 52 20.63 10.58 1.81
CA ILE A 52 19.37 11.20 1.38
C ILE A 52 18.21 10.56 2.11
N MET A 53 18.27 9.24 2.30
CA MET A 53 17.21 8.54 3.01
C MET A 53 17.10 9.02 4.45
N LYS A 54 18.24 9.26 5.11
CA LYS A 54 18.18 9.74 6.48
C LYS A 54 17.56 11.13 6.56
N ASP A 55 17.89 12.01 5.60
CA ASP A 55 17.25 13.32 5.56
C ASP A 55 15.75 13.18 5.30
N ALA A 56 15.36 12.27 4.40
CA ALA A 56 13.94 12.09 4.09
C ALA A 56 13.18 11.51 5.28
N LYS A 57 13.84 10.65 6.06
CA LYS A 57 13.22 10.15 7.28
C LYS A 57 12.83 11.30 8.20
N SER A 58 13.72 12.28 8.33
CA SER A 58 13.42 13.43 9.19
C SER A 58 12.32 14.29 8.59
N THR A 59 12.31 14.42 7.26
CA THR A 59 11.22 15.14 6.58
C THR A 59 9.86 14.57 6.97
N GLU A 60 9.74 13.25 6.96
CA GLU A 60 8.45 12.64 7.26
C GLU A 60 8.06 12.89 8.72
N ILE A 61 8.96 12.58 9.66
CA ILE A 61 8.51 12.61 11.04
C ILE A 61 8.32 14.04 11.50
N ASP A 62 9.13 14.98 10.98
CA ASP A 62 8.92 16.39 11.31
C ASP A 62 7.57 16.88 10.81
N TYR A 63 7.14 16.41 9.64
CA TYR A 63 5.85 16.82 9.11
C TYR A 63 4.71 16.29 9.98
N TYR A 64 4.73 14.99 10.28
CA TYR A 64 3.70 14.41 11.14
C TYR A 64 3.63 15.17 12.45
N ARG A 65 4.79 15.45 13.05
CA ARG A 65 4.79 16.13 14.35
C ARG A 65 4.22 17.52 14.24
N ALA A 66 4.54 18.25 13.16
CA ALA A 66 3.94 19.56 12.96
C ALA A 66 2.41 19.46 12.83
N LYS A 67 1.93 18.51 12.03
CA LYS A 67 0.48 18.38 11.87
C LYS A 67 -0.22 17.98 13.17
N LEU A 68 0.45 17.21 14.02
CA LEU A 68 -0.20 16.70 15.23
C LEU A 68 0.08 17.54 16.47
N ARG A 69 0.99 18.50 16.39
CA ARG A 69 1.28 19.33 17.56
C ARG A 69 0.98 20.81 17.38
N ASP A 70 1.04 21.32 16.14
CA ASP A 70 0.98 22.75 15.89
C ASP A 70 -0.38 23.21 15.38
N SER A 71 -1.34 22.29 15.29
CA SER A 71 -2.69 22.60 14.83
C SER A 71 -3.59 22.89 16.03
N ASP A 72 -4.86 23.17 15.77
CA ASP A 72 -5.82 23.42 16.84
C ASP A 72 -6.25 22.07 17.41
N LEU A 73 -5.66 21.70 18.55
CA LEU A 73 -5.90 20.39 19.12
C LEU A 73 -7.28 20.25 19.76
N SER A 74 -8.07 21.32 19.82
CA SER A 74 -9.45 21.18 20.26
C SER A 74 -10.38 20.67 19.15
N ARG A 75 -9.87 20.45 17.93
CA ARG A 75 -10.67 20.01 16.79
C ARG A 75 -10.05 18.73 16.25
N PRO A 76 -10.25 17.58 16.91
CA PRO A 76 -9.61 16.35 16.40
C PRO A 76 -9.96 16.02 14.97
N ASP A 77 -11.19 16.32 14.53
CA ASP A 77 -11.55 16.02 13.16
C ASP A 77 -10.70 16.82 12.17
N LEU A 78 -10.45 18.10 12.47
CA LEU A 78 -9.58 18.88 11.59
C LEU A 78 -8.13 18.40 11.66
N VAL A 79 -7.65 18.05 12.86
CA VAL A 79 -6.25 17.61 13.01
C VAL A 79 -6.00 16.36 12.18
N LEU A 80 -6.86 15.35 12.34
CA LEU A 80 -6.58 14.07 11.69
C LEU A 80 -6.90 14.09 10.20
N SER A 81 -7.96 14.79 9.79
CA SER A 81 -8.24 14.89 8.37
C SER A 81 -7.17 15.72 7.67
N SER A 82 -6.67 16.78 8.33
CA SER A 82 -5.63 17.59 7.72
C SER A 82 -4.35 16.79 7.48
N LEU A 83 -4.05 15.82 8.35
CA LEU A 83 -2.87 15.01 8.13
C LEU A 83 -3.07 14.05 6.95
N LEU A 84 -4.28 13.50 6.81
CA LEU A 84 -4.55 12.58 5.69
C LEU A 84 -4.43 13.28 4.35
N PHE A 85 -5.12 14.40 4.19
CA PHE A 85 -4.99 15.18 2.97
C PHE A 85 -3.59 15.76 2.86
N GLY A 86 -2.94 15.98 4.01
CA GLY A 86 -1.65 16.63 4.00
C GLY A 86 -0.54 15.78 3.41
N VAL A 87 -0.57 14.48 3.61
CA VAL A 87 0.51 13.67 3.08
C VAL A 87 0.50 13.71 1.57
N LYS A 88 -0.67 13.93 1.01
CA LYS A 88 -0.85 14.03 -0.41
C LYS A 88 -0.23 15.32 -0.88
N GLU A 89 -0.53 16.39 -0.20
CA GLU A 89 0.05 17.68 -0.55
C GLU A 89 1.57 17.67 -0.37
N LEU A 90 2.07 16.98 0.66
CA LEU A 90 3.52 16.89 0.86
C LEU A 90 4.19 16.11 -0.25
N TYR A 91 3.57 15.01 -0.67
CA TYR A 91 4.11 14.24 -1.79
C TYR A 91 4.15 15.08 -3.06
N ASP A 92 3.13 15.91 -3.29
CA ASP A 92 3.10 16.74 -4.48
C ASP A 92 4.19 17.81 -4.50
N THR A 93 4.70 18.21 -3.33
CA THR A 93 5.52 19.40 -3.25
C THR A 93 6.91 19.19 -2.64
N ASP A 94 7.22 18.01 -2.11
CA ASP A 94 8.48 17.78 -1.42
C ASP A 94 9.17 16.56 -2.03
N GLU A 95 10.29 16.80 -2.74
CA GLU A 95 10.97 15.72 -3.45
C GLU A 95 11.51 14.67 -2.49
N ALA A 96 11.97 15.10 -1.29
CA ALA A 96 12.49 14.12 -0.33
C ALA A 96 11.40 13.16 0.13
N TYR A 97 10.18 13.66 0.32
CA TYR A 97 9.09 12.79 0.71
C TYR A 97 8.69 11.84 -0.43
N GLN A 98 8.71 12.32 -1.67
CA GLN A 98 8.47 11.43 -2.80
C GLN A 98 9.48 10.30 -2.81
N PHE A 99 10.76 10.66 -2.66
CA PHE A 99 11.84 9.68 -2.56
C PHE A 99 11.57 8.68 -1.44
N TRP A 100 11.19 9.19 -0.27
CA TRP A 100 10.92 8.34 0.88
C TRP A 100 9.80 7.35 0.60
N LEU A 101 8.66 7.84 0.12
CA LEU A 101 7.52 6.95 -0.08
C LEU A 101 7.82 5.94 -1.17
N ARG A 102 8.44 6.39 -2.26
CA ARG A 102 8.67 5.47 -3.39
C ARG A 102 9.67 4.38 -3.01
N TYR A 103 10.79 4.75 -2.39
CA TYR A 103 11.75 3.73 -2.04
C TYR A 103 11.29 2.87 -0.87
N GLY A 104 10.33 3.33 -0.06
CA GLY A 104 9.75 2.43 0.91
C GLY A 104 9.05 1.24 0.29
N PHE A 105 8.45 1.40 -0.89
CA PHE A 105 7.79 0.28 -1.55
C PHE A 105 8.78 -0.63 -2.28
N TYR A 106 9.98 -0.15 -2.56
CA TYR A 106 10.95 -0.99 -3.25
C TYR A 106 12.38 -0.52 -2.96
N PRO A 107 12.93 -0.86 -1.81
CA PRO A 107 14.29 -0.44 -1.50
C PRO A 107 15.30 -1.27 -2.27
N PRO A 108 16.48 -0.72 -2.53
CA PRO A 108 17.57 -1.56 -3.06
C PRO A 108 17.76 -2.78 -2.18
N LYS A 109 17.83 -3.95 -2.81
CA LYS A 109 17.79 -5.19 -2.05
C LYS A 109 18.93 -5.27 -1.04
N HIS A 110 20.13 -4.83 -1.43
CA HIS A 110 21.27 -4.91 -0.53
C HIS A 110 21.27 -3.85 0.56
N LEU A 111 20.32 -2.91 0.52
CA LEU A 111 20.17 -1.90 1.57
C LEU A 111 18.85 -2.09 2.33
N TYR A 112 18.20 -3.24 2.17
CA TYR A 112 16.87 -3.44 2.73
C TYR A 112 16.86 -3.25 4.24
N GLU A 113 17.84 -3.85 4.94
CA GLU A 113 17.82 -3.80 6.40
C GLU A 113 17.97 -2.38 6.93
N VAL A 114 18.85 -1.58 6.31
CA VAL A 114 19.03 -0.22 6.81
C VAL A 114 17.82 0.65 6.48
N VAL A 115 17.25 0.50 5.29
CA VAL A 115 16.05 1.26 4.96
C VAL A 115 14.91 0.84 5.86
N GLN A 116 14.78 -0.46 6.12
CA GLN A 116 13.72 -0.93 7.01
C GLN A 116 13.87 -0.35 8.41
N ALA A 117 15.12 -0.22 8.88
CA ALA A 117 15.35 0.38 10.18
C ALA A 117 14.90 1.83 10.22
N ASP A 118 15.15 2.59 9.14
CA ASP A 118 14.68 3.98 9.08
C ASP A 118 13.16 4.04 9.15
N ILE A 119 12.49 3.25 8.33
CA ILE A 119 11.03 3.24 8.30
C ILE A 119 10.47 2.81 9.66
N THR A 120 11.03 1.74 10.23
CA THR A 120 10.54 1.22 11.50
C THR A 120 10.67 2.26 12.62
N GLU A 121 11.79 2.98 12.65
CA GLU A 121 11.99 4.01 13.66
C GLU A 121 10.89 5.07 13.61
N ASN A 122 10.51 5.48 12.39
CA ASN A 122 9.46 6.48 12.26
C ASN A 122 8.10 5.90 12.62
N VAL A 123 7.83 4.65 12.21
CA VAL A 123 6.56 4.04 12.55
C VAL A 123 6.39 3.98 14.06
N LEU A 124 7.45 3.60 14.79
CA LEU A 124 7.33 3.54 16.25
C LEU A 124 7.08 4.91 16.84
N GLN A 125 7.73 5.95 16.29
CA GLN A 125 7.48 7.31 16.76
C GLN A 125 6.04 7.73 16.50
N MET A 126 5.51 7.39 15.32
CA MET A 126 4.11 7.70 15.02
C MET A 126 3.17 6.97 15.96
N GLU A 127 3.45 5.69 16.25
CA GLU A 127 2.58 4.93 17.14
C GLU A 127 2.48 5.62 18.49
N HIS A 128 3.61 6.06 19.03
CA HIS A 128 3.59 6.72 20.33
CA HIS A 128 3.60 6.73 20.33
C HIS A 128 2.85 8.05 20.26
N GLU A 129 3.07 8.82 19.20
CA GLU A 129 2.38 10.10 19.05
C GLU A 129 0.87 9.94 19.01
N PHE A 130 0.38 8.99 18.21
CA PHE A 130 -1.06 8.79 18.11
C PHE A 130 -1.65 8.26 19.41
N THR A 131 -0.97 7.30 20.04
CA THR A 131 -1.48 6.72 21.28
C THR A 131 -1.66 7.79 22.34
N ASP A 132 -0.66 8.67 22.50
CA ASP A 132 -0.78 9.72 23.51
C ASP A 132 -1.81 10.76 23.13
N LEU A 133 -1.84 11.16 21.87
CA LEU A 133 -2.80 12.19 21.43
C LEU A 133 -4.23 11.69 21.54
N PHE A 134 -4.47 10.46 21.08
CA PHE A 134 -5.83 9.92 21.10
C PHE A 134 -6.33 9.76 22.53
N SER A 135 -5.46 9.27 23.43
CA SER A 135 -5.83 9.15 24.84
C SER A 135 -6.19 10.50 25.43
N ASN A 136 -5.42 11.53 25.09
CA ASN A 136 -5.67 12.86 25.63
C ASN A 136 -7.01 13.41 25.15
N TRP A 137 -7.30 13.22 23.86
CA TRP A 137 -8.59 13.65 23.33
C TRP A 137 -9.74 12.94 24.02
N MET A 138 -9.56 11.67 24.37
CA MET A 138 -10.63 10.97 25.07
C MET A 138 -10.80 11.51 26.49
N GLU A 139 -9.68 11.79 27.16
CA GLU A 139 -9.77 12.33 28.51
C GLU A 139 -10.39 13.72 28.51
N GLN A 140 -10.15 14.51 27.48
CA GLN A 140 -10.76 15.82 27.32
C GLN A 140 -12.19 15.77 26.84
N LYS A 141 -12.75 14.58 26.62
CA LYS A 141 -14.13 14.40 26.17
C LYS A 141 -14.37 14.97 24.78
N LEU A 142 -13.32 15.03 23.96
CA LEU A 142 -13.45 15.51 22.58
C LEU A 142 -13.84 14.40 21.62
N ILE A 143 -13.52 13.17 21.95
CA ILE A 143 -14.03 11.99 21.24
C ILE A 143 -14.44 10.95 22.27
N PRO A 144 -15.33 10.03 21.89
CA PRO A 144 -15.78 9.02 22.84
C PRO A 144 -14.63 8.15 23.35
N MET A 145 -14.71 7.81 24.65
CA MET A 145 -13.74 6.89 25.22
CA MET A 145 -13.74 6.88 25.23
C MET A 145 -13.88 5.52 24.58
N GLN A 146 -12.77 4.96 24.13
CA GLN A 146 -12.76 3.71 23.40
C GLN A 146 -11.33 3.19 23.36
N ASP A 147 -11.17 1.97 22.87
CA ASP A 147 -9.85 1.35 22.84
C ASP A 147 -8.89 2.17 21.98
N VAL A 148 -7.79 2.62 22.59
CA VAL A 148 -6.87 3.51 21.90
C VAL A 148 -6.08 2.74 20.85
N GLU A 149 -5.66 1.53 21.18
CA GLU A 149 -4.89 0.73 20.23
C GLU A 149 -5.70 0.48 18.96
N THR A 150 -7.00 0.17 19.10
CA THR A 150 -7.85 -0.02 17.93
C THR A 150 -7.89 1.25 17.08
N MET A 151 -8.08 2.40 17.72
CA MET A 151 -8.15 3.64 16.96
C MET A 151 -6.83 3.94 16.26
N LYS A 152 -5.71 3.69 16.95
CA LYS A 152 -4.40 3.92 16.36
C LYS A 152 -4.15 2.98 15.20
N GLU A 153 -4.48 1.70 15.36
CA GLU A 153 -4.29 0.74 14.27
C GLU A 153 -5.14 1.11 13.08
N ALA A 154 -6.40 1.50 13.32
CA ALA A 154 -7.27 1.85 12.20
C ALA A 154 -6.79 3.12 11.51
N TYR A 155 -6.34 4.12 12.28
CA TYR A 155 -5.91 5.35 11.63
C TYR A 155 -4.62 5.15 10.84
N MET A 156 -3.66 4.42 11.41
CA MET A 156 -2.45 4.15 10.65
C MET A 156 -2.73 3.27 9.45
N GLY A 157 -3.73 2.40 9.55
CA GLY A 157 -4.15 1.64 8.38
C GLY A 157 -4.72 2.51 7.28
N ILE A 158 -5.57 3.49 7.64
CA ILE A 158 -6.08 4.35 6.57
C ILE A 158 -4.96 5.23 6.01
N LEU A 159 -3.99 5.62 6.83
CA LEU A 159 -2.84 6.33 6.28
C LEU A 159 -2.12 5.45 5.25
N ASP A 160 -1.96 4.16 5.55
CA ASP A 160 -1.33 3.25 4.58
C ASP A 160 -2.11 3.20 3.27
N ALA A 161 -3.43 3.13 3.35
CA ALA A 161 -4.25 3.08 2.13
C ALA A 161 -4.10 4.35 1.31
N VAL A 162 -4.01 5.51 2.00
CA VAL A 162 -3.83 6.77 1.29
C VAL A 162 -2.48 6.82 0.62
N ILE A 163 -1.44 6.35 1.32
CA ILE A 163 -0.08 6.38 0.76
C ILE A 163 0.02 5.49 -0.46
N VAL A 164 -0.62 4.32 -0.45
CA VAL A 164 -0.63 3.48 -1.65
C VAL A 164 -1.26 4.23 -2.80
N ASP A 165 -2.40 4.87 -2.55
CA ASP A 165 -3.08 5.64 -3.57
C ASP A 165 -2.17 6.75 -4.11
N ILE A 166 -1.50 7.47 -3.20
CA ILE A 166 -0.69 8.61 -3.62
C ILE A 166 0.43 8.15 -4.53
N VAL A 167 1.06 7.03 -4.20
CA VAL A 167 2.23 6.59 -4.96
C VAL A 167 1.83 5.95 -6.27
N TYR A 168 0.75 5.16 -6.26
CA TYR A 168 0.43 4.31 -7.41
C TYR A 168 -0.64 4.88 -8.33
N VAL A 169 -1.40 5.86 -7.87
CA VAL A 169 -2.44 6.49 -8.68
C VAL A 169 -1.97 7.91 -8.98
N ASN A 170 -1.90 8.27 -10.26
CA ASN A 170 -1.54 9.63 -10.65
CA ASN A 170 -1.54 9.62 -10.64
C ASN A 170 -2.77 10.35 -11.16
N ASP A 171 -3.79 10.46 -10.32
CA ASP A 171 -5.08 11.07 -10.66
C ASP A 171 -5.56 11.78 -9.42
N PRO A 172 -5.33 13.09 -9.32
CA PRO A 172 -5.66 13.78 -8.06
C PRO A 172 -7.13 13.74 -7.69
N GLU A 173 -8.03 13.60 -8.66
CA GLU A 173 -9.45 13.53 -8.33
C GLU A 173 -9.77 12.19 -7.68
N ARG A 174 -9.22 11.10 -8.22
CA ARG A 174 -9.41 9.78 -7.64
C ARG A 174 -8.80 9.71 -6.24
N THR A 175 -7.64 10.33 -6.03
CA THR A 175 -7.03 10.31 -4.72
C THR A 175 -7.84 11.12 -3.71
N GLU A 176 -8.32 12.29 -4.13
CA GLU A 176 -9.14 13.10 -3.25
C GLU A 176 -10.39 12.35 -2.82
N LYS A 177 -11.02 11.64 -3.76
CA LYS A 177 -12.21 10.86 -3.43
C LYS A 177 -11.90 9.74 -2.45
N LYS A 178 -10.78 9.05 -2.65
CA LYS A 178 -10.40 7.95 -1.76
C LYS A 178 -10.14 8.47 -0.35
N ILE A 179 -9.39 9.56 -0.22
CA ILE A 179 -9.11 10.10 1.11
C ILE A 179 -10.40 10.53 1.79
N THR A 180 -11.27 11.22 1.04
CA THR A 180 -12.53 11.70 1.63
C THR A 180 -13.38 10.56 2.15
N ALA A 181 -13.48 9.47 1.37
CA ALA A 181 -14.32 8.34 1.76
C ALA A 181 -13.75 7.64 2.98
N LEU A 182 -12.43 7.41 2.99
CA LEU A 182 -11.81 6.77 4.13
C LEU A 182 -11.97 7.60 5.38
N TRP A 183 -11.75 8.92 5.26
CA TRP A 183 -11.90 9.79 6.42
C TRP A 183 -13.33 9.78 6.95
N GLN A 184 -14.32 9.91 6.06
CA GLN A 184 -15.70 10.02 6.51
C GLN A 184 -16.15 8.77 7.28
N ILE A 185 -15.82 7.59 6.77
CA ILE A 185 -16.25 6.36 7.44
C ILE A 185 -15.45 6.15 8.72
N PHE A 186 -14.14 6.43 8.69
CA PHE A 186 -13.35 6.36 9.91
C PHE A 186 -13.93 7.26 10.99
N TRP A 187 -14.21 8.53 10.64
CA TRP A 187 -14.65 9.47 11.67
C TRP A 187 -16.02 9.09 12.22
N ARG A 188 -16.90 8.61 11.35
CA ARG A 188 -18.19 8.11 11.82
C ARG A 188 -18.00 6.95 12.79
N GLY A 189 -17.05 6.07 12.50
CA GLY A 189 -16.84 4.92 13.36
C GLY A 189 -16.27 5.32 14.70
N ILE A 190 -15.38 6.31 14.71
CA ILE A 190 -14.75 6.75 15.96
C ILE A 190 -15.74 7.52 16.84
N THR A 191 -16.61 8.33 16.23
CA THR A 191 -17.42 9.29 16.99
C THR A 191 -18.83 8.82 17.31
N LEU A 192 -19.14 7.56 17.06
CA LEU A 192 -20.49 7.03 17.30
C LEU A 192 -21.19 7.52 18.57
N LYS A 193 -22.32 8.22 18.39
CA LYS A 193 -23.11 8.71 19.51
C LYS A 193 -23.65 7.56 20.34
N ALA A 194 -23.60 6.33 19.82
CA ALA A 194 -23.96 5.15 20.58
C ALA A 194 -22.86 4.71 21.53
N LEU A 195 -21.59 5.09 21.26
CA LEU A 195 -20.50 4.73 22.17
C LEU A 195 -20.71 5.34 23.56
N ASN A 196 -21.22 6.57 23.59
CA ASN A 196 -21.48 7.28 24.84
C ASN A 196 -22.71 6.74 25.56
N LEU A 197 -22.64 6.74 26.90
CA LEU A 197 -23.75 6.35 27.79
C LEU A 197 -24.03 4.85 27.75
N MET B 1 0.98 -30.56 -19.10
CA MET B 1 1.62 -30.17 -20.34
C MET B 1 2.92 -29.42 -20.09
N ARG B 2 3.79 -29.36 -21.10
CA ARG B 2 5.07 -28.67 -20.98
C ARG B 2 4.85 -27.18 -20.78
N LYS B 3 3.89 -26.60 -21.49
CA LYS B 3 3.60 -25.19 -21.33
C LYS B 3 3.29 -24.85 -19.88
N GLU B 4 2.52 -25.70 -19.20
CA GLU B 4 2.13 -25.41 -17.83
C GLU B 4 3.26 -25.75 -16.85
N GLU B 5 4.10 -26.72 -17.19
CA GLU B 5 5.31 -26.96 -16.41
C GLU B 5 6.26 -25.78 -16.49
N ILE B 6 6.39 -25.17 -17.67
CA ILE B 6 7.24 -23.98 -17.79
C ILE B 6 6.68 -22.85 -16.93
N LYS B 7 5.36 -22.63 -16.99
CA LYS B 7 4.75 -21.55 -16.22
C LYS B 7 4.94 -21.77 -14.73
N GLN B 8 4.79 -23.02 -14.26
CA GLN B 8 4.99 -23.30 -12.84
C GLN B 8 6.42 -23.02 -12.41
N ALA B 9 7.40 -23.47 -13.22
CA ALA B 9 8.80 -23.22 -12.90
C ALA B 9 9.11 -21.73 -12.90
N ALA B 10 8.59 -20.99 -13.87
CA ALA B 10 8.84 -19.56 -13.94
C ALA B 10 8.17 -18.83 -12.79
N LEU B 11 6.96 -19.26 -12.43
CA LEU B 11 6.23 -18.62 -11.35
C LEU B 11 7.06 -18.65 -10.06
N THR B 12 7.56 -19.82 -9.70
CA THR B 12 8.40 -19.97 -8.51
C THR B 12 9.65 -19.09 -8.61
N LEU B 13 10.36 -19.15 -9.73
CA LEU B 13 11.59 -18.37 -9.88
C LEU B 13 11.32 -16.87 -9.89
N PHE B 14 10.29 -16.43 -10.63
CA PHE B 14 9.94 -15.01 -10.63
C PHE B 14 9.56 -14.53 -9.25
N ALA B 15 8.75 -15.32 -8.53
CA ALA B 15 8.24 -14.87 -7.24
C ALA B 15 9.36 -14.77 -6.20
N ASN B 16 10.39 -15.59 -6.33
CA ASN B 16 11.45 -15.65 -5.31
C ASN B 16 12.72 -14.91 -5.70
N ASN B 17 12.99 -14.70 -6.99
CA ASN B 17 14.23 -14.08 -7.44
C ASN B 17 14.05 -12.78 -8.19
N GLY B 18 12.83 -12.37 -8.50
CA GLY B 18 12.58 -11.15 -9.24
C GLY B 18 12.65 -11.37 -10.75
N PHE B 19 12.23 -10.33 -11.49
CA PHE B 19 12.17 -10.43 -12.94
C PHE B 19 13.56 -10.47 -13.56
N GLU B 20 14.39 -9.46 -13.26
CA GLU B 20 15.73 -9.41 -13.87
C GLU B 20 16.58 -10.60 -13.42
N GLY B 21 16.43 -11.04 -12.17
CA GLY B 21 17.18 -12.17 -11.65
C GLY B 21 16.83 -13.53 -12.24
N THR B 22 15.75 -13.61 -13.01
CA THR B 22 15.26 -14.87 -13.55
C THR B 22 15.50 -14.91 -15.04
N SER B 23 16.28 -15.89 -15.49
CA SER B 23 16.58 -16.04 -16.91
C SER B 23 15.83 -17.23 -17.48
N LEU B 24 15.64 -17.20 -18.80
CA LEU B 24 15.00 -18.34 -19.47
C LEU B 24 15.84 -19.61 -19.33
N ALA B 25 17.17 -19.49 -19.32
CA ALA B 25 18.00 -20.66 -19.09
C ALA B 25 17.75 -21.26 -17.71
N ASP B 26 17.56 -20.41 -16.69
CA ASP B 26 17.20 -20.87 -15.37
C ASP B 26 15.89 -21.65 -15.41
N ILE B 27 14.87 -21.07 -16.04
CA ILE B 27 13.57 -21.71 -16.12
C ILE B 27 13.66 -23.04 -16.86
N ALA B 28 14.33 -23.04 -18.02
CA ALA B 28 14.47 -24.26 -18.79
C ALA B 28 15.18 -25.34 -18.00
N GLY B 29 16.23 -24.97 -17.26
CA GLY B 29 16.96 -25.94 -16.45
C GLY B 29 16.12 -26.60 -15.38
N VAL B 30 15.19 -25.85 -14.78
CA VAL B 30 14.32 -26.42 -13.76
C VAL B 30 13.45 -27.52 -14.37
N VAL B 31 13.00 -27.32 -15.62
CA VAL B 31 12.13 -28.30 -16.27
C VAL B 31 12.92 -29.30 -17.12
N GLY B 32 14.24 -29.19 -17.16
CA GLY B 32 15.04 -30.14 -17.91
C GLY B 32 15.14 -29.88 -19.39
N LEU B 33 14.90 -28.66 -19.83
CA LEU B 33 14.89 -28.28 -21.24
C LEU B 33 16.04 -27.30 -21.52
N LYS B 34 16.18 -26.95 -22.79
CA LYS B 34 17.05 -25.85 -23.17
C LYS B 34 16.20 -24.65 -23.55
N LYS B 35 16.84 -23.48 -23.50
CA LYS B 35 16.15 -22.21 -23.72
C LYS B 35 15.30 -22.24 -24.98
N GLN B 36 15.81 -22.88 -26.04
CA GLN B 36 15.11 -22.86 -27.31
C GLN B 36 13.71 -23.46 -27.18
N SER B 37 13.55 -24.46 -26.31
CA SER B 37 12.25 -25.12 -26.14
C SER B 37 11.21 -24.21 -25.53
N ILE B 38 11.63 -23.23 -24.72
CA ILE B 38 10.67 -22.30 -24.15
C ILE B 38 10.03 -21.45 -25.24
N TYR B 39 10.79 -21.13 -26.29
CA TYR B 39 10.24 -20.37 -27.40
C TYR B 39 9.26 -21.17 -28.24
N SER B 40 9.18 -22.49 -28.06
CA SER B 40 8.13 -23.27 -28.68
C SER B 40 6.76 -22.96 -28.10
N HIS B 41 6.71 -22.36 -26.91
CA HIS B 41 5.48 -22.18 -26.20
C HIS B 41 5.18 -20.74 -25.86
N PHE B 42 6.20 -19.87 -25.82
CA PHE B 42 6.07 -18.46 -25.48
C PHE B 42 6.91 -17.63 -26.45
N LYS B 43 6.47 -16.40 -26.68
CA LYS B 43 7.15 -15.55 -27.66
C LYS B 43 8.49 -15.05 -27.15
N ASP B 44 8.59 -14.80 -25.85
CA ASP B 44 9.79 -14.32 -25.17
C ASP B 44 9.52 -14.32 -23.67
N LYS B 45 10.50 -13.82 -22.92
CA LYS B 45 10.38 -13.84 -21.47
C LYS B 45 9.24 -12.93 -21.00
N ASP B 46 8.99 -11.82 -21.70
CA ASP B 46 7.87 -10.96 -21.33
C ASP B 46 6.54 -11.70 -21.47
N ASP B 47 6.38 -12.43 -22.57
CA ASP B 47 5.16 -13.20 -22.83
C ASP B 47 4.94 -14.25 -21.74
N LEU B 48 6.01 -14.92 -21.31
CA LEU B 48 5.90 -15.91 -20.24
C LEU B 48 5.47 -15.25 -18.93
N PHE B 49 6.11 -14.14 -18.57
CA PHE B 49 5.71 -13.40 -17.37
C PHE B 49 4.26 -12.95 -17.45
N LEU B 50 3.87 -12.38 -18.59
CA LEU B 50 2.51 -11.85 -18.71
C LEU B 50 1.47 -12.96 -18.77
N SER B 51 1.84 -14.14 -19.26
CA SER B 51 0.92 -15.27 -19.24
C SER B 51 0.64 -15.72 -17.81
N ILE B 52 1.68 -15.73 -16.96
CA ILE B 52 1.48 -16.03 -15.55
C ILE B 52 0.67 -14.93 -14.88
N MET B 53 0.92 -13.67 -15.24
CA MET B 53 0.14 -12.56 -14.66
C MET B 53 -1.33 -12.69 -14.99
N LYS B 54 -1.63 -13.09 -16.23
CA LYS B 54 -3.02 -13.25 -16.65
C LYS B 54 -3.71 -14.38 -15.88
N ASP B 55 -2.99 -15.48 -15.64
CA ASP B 55 -3.55 -16.54 -14.81
C ASP B 55 -3.80 -16.05 -13.38
N ALA B 56 -2.85 -15.31 -12.83
CA ALA B 56 -2.99 -14.80 -11.46
C ALA B 56 -4.12 -13.80 -11.36
N LYS B 57 -4.33 -13.00 -12.42
CA LYS B 57 -5.46 -12.09 -12.45
C LYS B 57 -6.78 -12.83 -12.26
N SER B 58 -6.93 -13.97 -12.95
CA SER B 58 -8.14 -14.75 -12.81
C SER B 58 -8.26 -15.35 -11.42
N THR B 59 -7.13 -15.75 -10.83
CA THR B 59 -7.13 -16.25 -9.45
C THR B 59 -7.75 -15.23 -8.50
N GLU B 60 -7.36 -13.97 -8.62
CA GLU B 60 -7.87 -12.94 -7.72
C GLU B 60 -9.36 -12.72 -7.92
N ILE B 61 -9.79 -12.48 -9.16
CA ILE B 61 -11.17 -12.06 -9.34
C ILE B 61 -12.13 -13.21 -9.08
N ASP B 62 -11.72 -14.44 -9.40
CA ASP B 62 -12.56 -15.60 -9.07
C ASP B 62 -12.75 -15.72 -7.56
N TYR B 63 -11.70 -15.42 -6.79
CA TYR B 63 -11.81 -15.47 -5.33
C TYR B 63 -12.78 -14.43 -4.82
N TYR B 64 -12.61 -13.16 -5.24
CA TYR B 64 -13.54 -12.13 -4.82
C TYR B 64 -14.97 -12.48 -5.18
N ARG B 65 -15.18 -12.99 -6.40
CA ARG B 65 -16.54 -13.32 -6.82
C ARG B 65 -17.15 -14.43 -5.98
N ALA B 66 -16.35 -15.44 -5.64
CA ALA B 66 -16.86 -16.49 -4.75
C ALA B 66 -17.25 -15.90 -3.39
N LYS B 67 -16.38 -15.06 -2.82
CA LYS B 67 -16.67 -14.48 -1.51
C LYS B 67 -17.89 -13.56 -1.55
N LEU B 68 -18.15 -12.89 -2.67
CA LEU B 68 -19.23 -11.91 -2.73
C LEU B 68 -20.51 -12.49 -3.31
N ARG B 69 -20.48 -13.69 -3.85
CA ARG B 69 -21.68 -14.30 -4.44
C ARG B 69 -22.11 -15.61 -3.79
N ASP B 70 -21.19 -16.38 -3.21
CA ASP B 70 -21.47 -17.73 -2.76
C ASP B 70 -21.64 -17.84 -1.26
N SER B 71 -21.59 -16.73 -0.54
CA SER B 71 -21.74 -16.68 0.91
C SER B 71 -23.18 -16.37 1.28
N ASP B 72 -23.43 -16.24 2.59
CA ASP B 72 -24.75 -15.88 3.09
C ASP B 72 -24.91 -14.37 2.98
N LEU B 73 -25.59 -13.91 1.92
CA LEU B 73 -25.71 -12.48 1.66
C LEU B 73 -26.69 -11.79 2.60
N SER B 74 -27.37 -12.52 3.47
CA SER B 74 -28.15 -11.87 4.51
C SER B 74 -27.31 -11.42 5.69
N ARG B 75 -26.00 -11.68 5.67
CA ARG B 75 -25.08 -11.28 6.75
C ARG B 75 -23.95 -10.47 6.16
N PRO B 76 -24.19 -9.18 5.86
CA PRO B 76 -23.11 -8.34 5.33
C PRO B 76 -21.88 -8.31 6.23
N ASP B 77 -22.09 -8.35 7.55
CA ASP B 77 -20.94 -8.33 8.46
C ASP B 77 -20.02 -9.53 8.22
N LEU B 78 -20.60 -10.72 8.02
CA LEU B 78 -19.78 -11.90 7.75
C LEU B 78 -19.18 -11.83 6.35
N VAL B 79 -19.95 -11.37 5.36
CA VAL B 79 -19.44 -11.38 3.98
C VAL B 79 -18.21 -10.50 3.88
N LEU B 80 -18.31 -9.26 4.38
CA LEU B 80 -17.22 -8.31 4.16
C LEU B 80 -16.04 -8.58 5.08
N SER B 81 -16.28 -9.02 6.31
CA SER B 81 -15.14 -9.36 7.17
C SER B 81 -14.42 -10.61 6.67
N SER B 82 -15.17 -11.58 6.14
CA SER B 82 -14.55 -12.80 5.62
C SER B 82 -13.64 -12.51 4.44
N LEU B 83 -13.99 -11.51 3.62
CA LEU B 83 -13.14 -11.20 2.47
C LEU B 83 -11.84 -10.56 2.92
N LEU B 84 -11.89 -9.70 3.94
CA LEU B 84 -10.69 -9.06 4.47
C LEU B 84 -9.71 -10.08 5.01
N PHE B 85 -10.18 -10.95 5.91
CA PHE B 85 -9.31 -11.99 6.43
C PHE B 85 -8.95 -12.98 5.34
N GLY B 86 -9.83 -13.12 4.36
CA GLY B 86 -9.63 -14.12 3.33
C GLY B 86 -8.45 -13.81 2.42
N VAL B 87 -8.20 -12.53 2.13
CA VAL B 87 -7.08 -12.24 1.23
C VAL B 87 -5.77 -12.61 1.91
N LYS B 88 -5.75 -12.51 3.23
CA LYS B 88 -4.59 -12.90 4.01
C LYS B 88 -4.36 -14.42 3.87
N GLU B 89 -5.44 -15.19 3.99
CA GLU B 89 -5.33 -16.64 3.85
C GLU B 89 -5.00 -17.06 2.42
N LEU B 90 -5.54 -16.34 1.42
CA LEU B 90 -5.22 -16.68 0.04
C LEU B 90 -3.75 -16.40 -0.25
N TYR B 91 -3.20 -15.30 0.28
CA TYR B 91 -1.79 -14.99 0.11
C TYR B 91 -0.91 -16.07 0.75
N ASP B 92 -1.35 -16.61 1.90
CA ASP B 92 -0.59 -17.65 2.58
C ASP B 92 -0.58 -18.97 1.82
N THR B 93 -1.55 -19.22 0.94
CA THR B 93 -1.73 -20.56 0.40
C THR B 93 -1.70 -20.65 -1.11
N ASP B 94 -1.71 -19.54 -1.84
CA ASP B 94 -1.83 -19.58 -3.30
C ASP B 94 -0.65 -18.86 -3.91
N GLU B 95 0.26 -19.62 -4.54
CA GLU B 95 1.49 -19.02 -5.04
C GLU B 95 1.21 -17.99 -6.12
N ALA B 96 0.19 -18.22 -6.95
CA ALA B 96 -0.14 -17.27 -8.01
C ALA B 96 -0.62 -15.94 -7.44
N TYR B 97 -1.41 -15.99 -6.35
CA TYR B 97 -1.85 -14.75 -5.73
C TYR B 97 -0.69 -13.98 -5.13
N GLN B 98 0.26 -14.69 -4.50
CA GLN B 98 1.46 -14.04 -4.00
C GLN B 98 2.19 -13.30 -5.11
N PHE B 99 2.39 -14.00 -6.23
CA PHE B 99 3.01 -13.40 -7.40
C PHE B 99 2.26 -12.14 -7.83
N TRP B 100 0.93 -12.24 -7.89
CA TRP B 100 0.09 -11.13 -8.32
C TRP B 100 0.24 -9.91 -7.42
N LEU B 101 0.12 -10.11 -6.09
CA LEU B 101 0.21 -8.97 -5.19
C LEU B 101 1.61 -8.37 -5.18
N ARG B 102 2.63 -9.22 -5.16
CA ARG B 102 3.99 -8.70 -5.07
C ARG B 102 4.36 -7.92 -6.32
N TYR B 103 4.09 -8.47 -7.51
CA TYR B 103 4.46 -7.72 -8.71
C TYR B 103 3.55 -6.54 -8.98
N GLY B 104 2.34 -6.49 -8.39
CA GLY B 104 1.55 -5.28 -8.50
C GLY B 104 2.26 -4.09 -7.89
N PHE B 105 3.06 -4.31 -6.85
CA PHE B 105 3.79 -3.21 -6.22
C PHE B 105 5.03 -2.80 -6.99
N TYR B 106 5.57 -3.67 -7.85
CA TYR B 106 6.75 -3.30 -8.63
C TYR B 106 6.80 -4.13 -9.90
N PRO B 107 6.02 -3.76 -10.90
CA PRO B 107 6.04 -4.50 -12.17
C PRO B 107 7.27 -4.13 -12.96
N PRO B 108 7.74 -5.02 -13.83
CA PRO B 108 8.79 -4.62 -14.77
C PRO B 108 8.41 -3.36 -15.51
N LYS B 109 9.32 -2.37 -15.55
CA LYS B 109 8.96 -1.05 -16.06
C LYS B 109 8.47 -1.10 -17.50
N HIS B 110 9.11 -1.92 -18.34
CA HIS B 110 8.68 -1.97 -19.72
C HIS B 110 7.37 -2.73 -19.90
N LEU B 111 6.85 -3.34 -18.83
CA LEU B 111 5.56 -4.01 -18.88
C LEU B 111 4.52 -3.32 -18.01
N TYR B 112 4.81 -2.11 -17.55
CA TYR B 112 3.94 -1.47 -16.56
C TYR B 112 2.53 -1.30 -17.10
N GLU B 113 2.41 -0.83 -18.35
CA GLU B 113 1.09 -0.54 -18.91
C GLU B 113 0.24 -1.79 -19.03
N VAL B 114 0.83 -2.93 -19.41
CA VAL B 114 0.06 -4.14 -19.54
C VAL B 114 -0.35 -4.69 -18.18
N VAL B 115 0.57 -4.65 -17.21
CA VAL B 115 0.22 -5.11 -15.88
C VAL B 115 -0.84 -4.21 -15.27
N GLN B 116 -0.71 -2.90 -15.52
CA GLN B 116 -1.71 -1.95 -15.01
C GLN B 116 -3.08 -2.25 -15.60
N ALA B 117 -3.14 -2.62 -16.89
CA ALA B 117 -4.42 -2.98 -17.48
C ALA B 117 -5.02 -4.21 -16.81
N ASP B 118 -4.18 -5.20 -16.46
CA ASP B 118 -4.68 -6.39 -15.77
C ASP B 118 -5.28 -6.01 -14.42
N ILE B 119 -4.55 -5.21 -13.65
CA ILE B 119 -5.03 -4.77 -12.33
C ILE B 119 -6.30 -3.97 -12.48
N THR B 120 -6.31 -3.01 -13.41
CA THR B 120 -7.46 -2.13 -13.61
C THR B 120 -8.71 -2.92 -13.97
N GLU B 121 -8.56 -3.93 -14.85
CA GLU B 121 -9.69 -4.75 -15.23
C GLU B 121 -10.33 -5.41 -14.00
N ASN B 122 -9.51 -5.88 -13.06
CA ASN B 122 -10.06 -6.51 -11.87
C ASN B 122 -10.68 -5.49 -10.95
N VAL B 123 -10.04 -4.34 -10.78
CA VAL B 123 -10.59 -3.30 -9.88
C VAL B 123 -11.96 -2.86 -10.36
N LEU B 124 -12.13 -2.68 -11.68
CA LEU B 124 -13.44 -2.26 -12.19
C LEU B 124 -14.48 -3.34 -11.93
N GLN B 125 -14.11 -4.60 -12.08
CA GLN B 125 -15.05 -5.68 -11.77
C GLN B 125 -15.42 -5.67 -10.30
N MET B 126 -14.43 -5.48 -9.42
CA MET B 126 -14.72 -5.41 -7.99
C MET B 126 -15.62 -4.23 -7.67
N GLU B 127 -15.33 -3.06 -8.26
CA GLU B 127 -16.14 -1.89 -7.96
C GLU B 127 -17.61 -2.13 -8.31
N HIS B 128 -17.86 -2.76 -9.46
CA HIS B 128 -19.22 -3.04 -9.87
CA HIS B 128 -19.21 -3.07 -9.89
C HIS B 128 -19.90 -4.04 -8.93
N GLU B 129 -19.16 -5.07 -8.50
CA GLU B 129 -19.74 -6.06 -7.60
C GLU B 129 -20.10 -5.44 -6.25
N PHE B 130 -19.19 -4.63 -5.70
CA PHE B 130 -19.47 -4.00 -4.41
C PHE B 130 -20.64 -3.01 -4.53
N THR B 131 -20.66 -2.21 -5.60
CA THR B 131 -21.73 -1.22 -5.75
C THR B 131 -23.11 -1.87 -5.77
N ASP B 132 -23.25 -2.97 -6.53
CA ASP B 132 -24.53 -3.65 -6.61
C ASP B 132 -24.90 -4.32 -5.29
N LEU B 133 -23.92 -4.95 -4.65
CA LEU B 133 -24.20 -5.64 -3.38
C LEU B 133 -24.57 -4.65 -2.30
N PHE B 134 -23.83 -3.54 -2.20
CA PHE B 134 -24.10 -2.56 -1.14
C PHE B 134 -25.47 -1.93 -1.35
N SER B 135 -25.84 -1.67 -2.60
CA SER B 135 -27.16 -1.10 -2.90
C SER B 135 -28.27 -2.04 -2.47
N ASN B 136 -28.10 -3.33 -2.73
CA ASN B 136 -29.10 -4.33 -2.35
C ASN B 136 -29.23 -4.43 -0.84
N TRP B 137 -28.11 -4.41 -0.14
CA TRP B 137 -28.15 -4.44 1.32
C TRP B 137 -28.88 -3.22 1.87
N MET B 138 -28.71 -2.05 1.26
CA MET B 138 -29.42 -0.87 1.77
C MET B 138 -30.92 -0.96 1.49
N GLU B 139 -31.29 -1.46 0.31
CA GLU B 139 -32.71 -1.58 0.00
C GLU B 139 -33.39 -2.60 0.90
N GLN B 140 -32.64 -3.64 1.29
CA GLN B 140 -33.10 -4.67 2.21
C GLN B 140 -33.07 -4.20 3.66
N LYS B 141 -32.60 -2.98 3.90
CA LYS B 141 -32.54 -2.36 5.22
C LYS B 141 -31.60 -3.12 6.15
N LEU B 142 -30.60 -3.80 5.58
CA LEU B 142 -29.61 -4.49 6.40
C LEU B 142 -28.53 -3.54 6.89
N ILE B 143 -28.30 -2.45 6.16
CA ILE B 143 -27.44 -1.36 6.59
C ILE B 143 -28.14 -0.04 6.28
N PRO B 144 -27.79 1.04 6.99
CA PRO B 144 -28.45 2.33 6.74
C PRO B 144 -28.21 2.81 5.32
N MET B 145 -29.20 3.51 4.77
CA MET B 145 -29.04 4.13 3.47
C MET B 145 -27.97 5.21 3.55
N GLN B 146 -27.07 5.21 2.58
CA GLN B 146 -25.94 6.13 2.57
C GLN B 146 -25.30 6.06 1.19
N ASP B 147 -24.37 6.97 0.96
CA ASP B 147 -23.71 7.02 -0.33
C ASP B 147 -22.98 5.72 -0.62
N VAL B 148 -23.36 5.05 -1.72
CA VAL B 148 -22.76 3.76 -2.04
C VAL B 148 -21.31 3.93 -2.47
N GLU B 149 -21.03 4.99 -3.25
CA GLU B 149 -19.66 5.22 -3.71
C GLU B 149 -18.71 5.42 -2.53
N THR B 150 -19.13 6.17 -1.51
CA THR B 150 -18.30 6.33 -0.32
C THR B 150 -18.01 5.00 0.35
N MET B 151 -19.04 4.16 0.50
CA MET B 151 -18.84 2.90 1.19
C MET B 151 -17.89 2.00 0.40
N LYS B 152 -18.07 1.98 -0.92
CA LYS B 152 -17.20 1.18 -1.79
C LYS B 152 -15.77 1.68 -1.75
N GLU B 153 -15.58 3.01 -1.82
CA GLU B 153 -14.23 3.57 -1.77
C GLU B 153 -13.54 3.26 -0.45
N ALA B 154 -14.27 3.39 0.66
CA ALA B 154 -13.67 3.10 1.95
C ALA B 154 -13.35 1.62 2.09
N TYR B 155 -14.24 0.74 1.62
CA TYR B 155 -13.96 -0.69 1.80
C TYR B 155 -12.77 -1.11 0.94
N MET B 156 -12.72 -0.62 -0.30
CA MET B 156 -11.58 -0.98 -1.13
C MET B 156 -10.30 -0.35 -0.60
N GLY B 157 -10.40 0.82 0.04
CA GLY B 157 -9.23 1.39 0.70
C GLY B 157 -8.76 0.52 1.84
N ILE B 158 -9.70 -0.01 2.62
CA ILE B 158 -9.29 -0.87 3.72
C ILE B 158 -8.70 -2.16 3.19
N LEU B 159 -9.20 -2.67 2.07
CA LEU B 159 -8.56 -3.81 1.44
C LEU B 159 -7.12 -3.49 1.06
N ASP B 160 -6.87 -2.29 0.52
CA ASP B 160 -5.52 -1.89 0.16
C ASP B 160 -4.61 -1.87 1.39
N ALA B 161 -5.11 -1.36 2.52
CA ALA B 161 -4.31 -1.34 3.74
C ALA B 161 -3.97 -2.75 4.18
N VAL B 162 -4.91 -3.68 4.05
CA VAL B 162 -4.64 -5.06 4.45
C VAL B 162 -3.62 -5.67 3.51
N ILE B 163 -3.74 -5.39 2.21
CA ILE B 163 -2.82 -5.98 1.23
C ILE B 163 -1.40 -5.46 1.45
N VAL B 164 -1.24 -4.17 1.75
CA VAL B 164 0.09 -3.66 2.04
C VAL B 164 0.70 -4.37 3.23
N ASP B 165 -0.10 -4.58 4.28
CA ASP B 165 0.39 -5.26 5.47
C ASP B 165 0.85 -6.67 5.15
N ILE B 166 0.04 -7.43 4.41
CA ILE B 166 0.39 -8.82 4.15
C ILE B 166 1.63 -8.92 3.28
N VAL B 167 1.81 -7.99 2.32
CA VAL B 167 2.96 -8.10 1.42
C VAL B 167 4.25 -7.64 2.11
N TYR B 168 4.18 -6.58 2.93
CA TYR B 168 5.39 -5.96 3.44
C TYR B 168 5.71 -6.33 4.89
N VAL B 169 4.74 -6.81 5.64
CA VAL B 169 4.94 -7.18 7.05
C VAL B 169 4.78 -8.70 7.15
N ASN B 170 5.81 -9.36 7.69
CA ASN B 170 5.75 -10.81 7.89
C ASN B 170 5.45 -11.05 9.37
N ASP B 171 4.19 -10.86 9.73
CA ASP B 171 3.82 -10.98 11.14
C ASP B 171 2.32 -11.25 11.24
N PRO B 172 1.90 -12.50 11.33
CA PRO B 172 0.46 -12.80 11.34
C PRO B 172 -0.26 -12.19 12.53
N GLU B 173 0.45 -11.94 13.63
CA GLU B 173 -0.15 -11.33 14.81
C GLU B 173 -0.45 -9.86 14.56
N ARG B 174 0.50 -9.16 13.95
CA ARG B 174 0.33 -7.75 13.63
C ARG B 174 -0.74 -7.58 12.54
N THR B 175 -0.81 -8.53 11.63
CA THR B 175 -1.79 -8.48 10.54
C THR B 175 -3.21 -8.72 11.06
N GLU B 176 -3.37 -9.74 11.92
CA GLU B 176 -4.68 -10.03 12.49
C GLU B 176 -5.21 -8.84 13.28
N LYS B 177 -4.35 -8.21 14.08
CA LYS B 177 -4.73 -7.03 14.85
C LYS B 177 -5.11 -5.87 13.94
N LYS B 178 -4.35 -5.66 12.87
CA LYS B 178 -4.64 -4.58 11.93
C LYS B 178 -5.97 -4.80 11.22
N ILE B 179 -6.22 -6.02 10.74
CA ILE B 179 -7.48 -6.28 10.05
C ILE B 179 -8.65 -6.12 10.99
N THR B 180 -8.54 -6.67 12.21
CA THR B 180 -9.62 -6.57 13.17
C THR B 180 -9.96 -5.11 13.50
N ALA B 181 -8.93 -4.29 13.69
CA ALA B 181 -9.19 -2.88 14.03
C ALA B 181 -9.82 -2.14 12.86
N LEU B 182 -9.31 -2.36 11.65
CA LEU B 182 -9.89 -1.71 10.48
C LEU B 182 -11.35 -2.14 10.31
N TRP B 183 -11.62 -3.43 10.46
CA TRP B 183 -12.99 -3.91 10.29
C TRP B 183 -13.91 -3.29 11.35
N GLN B 184 -13.47 -3.28 12.59
CA GLN B 184 -14.35 -2.80 13.66
C GLN B 184 -14.72 -1.33 13.46
N ILE B 185 -13.76 -0.49 13.09
CA ILE B 185 -14.07 0.93 12.90
C ILE B 185 -14.86 1.15 11.61
N PHE B 186 -14.48 0.44 10.53
CA PHE B 186 -15.27 0.53 9.30
C PHE B 186 -16.74 0.18 9.54
N TRP B 187 -16.99 -0.96 10.20
CA TRP B 187 -18.37 -1.42 10.35
C TRP B 187 -19.17 -0.51 11.29
N ARG B 188 -18.53 0.06 12.31
CA ARG B 188 -19.20 1.06 13.12
C ARG B 188 -19.58 2.27 12.27
N GLY B 189 -18.67 2.68 11.37
CA GLY B 189 -18.93 3.83 10.52
C GLY B 189 -20.03 3.59 9.52
N ILE B 190 -20.14 2.35 9.01
CA ILE B 190 -21.20 2.03 8.05
C ILE B 190 -22.55 1.87 8.73
N THR B 191 -22.59 1.21 9.89
CA THR B 191 -23.87 0.86 10.49
C THR B 191 -24.34 1.90 11.50
N LEU B 192 -23.47 2.85 11.85
CA LEU B 192 -23.66 3.89 12.86
C LEU B 192 -24.26 3.31 14.14
N LYS B 193 -23.93 2.04 14.41
CA LYS B 193 -24.31 1.31 15.62
C LYS B 193 -23.07 0.70 16.25
N ALA B 194 -23.03 0.66 17.58
CA ALA B 194 -21.91 0.04 18.29
C ALA B 194 -22.01 -1.48 18.34
N LEU B 195 -23.21 -2.03 18.22
CA LEU B 195 -23.46 -3.47 18.23
C LEU B 195 -24.89 -3.69 17.78
N ASN B 196 -25.12 -4.83 17.11
CA ASN B 196 -26.47 -5.13 16.64
C ASN B 196 -27.37 -5.46 17.82
N LEU B 197 -28.59 -4.95 17.76
CA LEU B 197 -29.58 -5.21 18.81
C LEU B 197 -30.98 -5.27 18.21
OH2 1PE C . 12.10 4.65 -11.75
C12 1PE C . 11.10 5.38 -11.09
C22 1PE C . 11.65 5.83 -9.74
OH3 1PE C . 11.72 4.73 -8.87
C13 1PE C . 11.63 3.81 -6.70
C23 1PE C . 11.76 5.08 -7.52
OH4 1PE C . 10.28 3.42 -6.75
C14 1PE C . 8.49 2.03 -6.12
C24 1PE C . 10.00 2.25 -6.07
OH5 1PE C . 8.12 1.73 -7.43
C15 1PE C . 6.20 3.07 -7.89
C25 1PE C . 6.74 1.67 -7.64
OH6 1PE C . 5.62 3.13 -9.17
C16 1PE C . 6.45 5.30 -9.72
C26 1PE C . 5.22 4.41 -9.54
OH7 1PE C . 6.07 6.65 -9.63
OH2 1PE D . 9.04 -8.43 0.18
C12 1PE D . 8.35 -7.21 0.11
C22 1PE D . 8.91 -6.37 -1.04
OH3 1PE D . 7.99 -6.35 -2.10
C13 1PE D . 7.60 -6.00 -4.45
C23 1PE D . 8.46 -5.69 -3.23
OH4 1PE D . 7.92 -7.28 -4.92
C14 1PE D . 8.18 -8.81 -6.73
C24 1PE D . 8.22 -7.35 -6.29
OH5 1PE D . 9.46 -9.36 -6.77
C15 1PE D . 10.78 -11.08 -5.77
C25 1PE D . 9.90 -9.85 -5.55
OH6 1PE D . 11.88 -10.99 -4.91
C16 1PE D . 13.85 -9.59 -5.09
C26 1PE D . 13.11 -10.83 -5.57
OH7 1PE D . 14.96 -9.37 -5.93
#